data_4IJD
#
_entry.id   4IJD
#
_cell.length_a   54.734
_cell.length_b   48.782
_cell.length_c   78.713
_cell.angle_alpha   90.00
_cell.angle_beta   100.05
_cell.angle_gamma   90.00
#
_symmetry.space_group_name_H-M   'P 1 21 1'
#
loop_
_entity.id
_entity.type
_entity.pdbx_description
1 polymer 'Histone-lysine N-methyltransferase PRDM9'
2 non-polymer 'ZINC ION'
3 non-polymer 'UNKNOWN ATOM OR ION'
4 water water
#
_entity_poly.entity_id   1
_entity_poly.type   'polypeptide(L)'
_entity_poly.pdbx_seq_one_letter_code
;SEPQDDDYLYCE(MSE)CQNFFIDSCAAHGPPTFVKDSAVDKGHPNRSALSLPPGLRIGPSGIPQAGLGVWNEASDLPLG
LHFGPYEGRITEDEEAANNGYSWLITKGRNCYEYVDGKDKSWANW(MSE)RYVNCARDDEEQNLVAFQYHRQIFYRTCRV
IRPGCELLVWYGDEYGQELGIKWGSKWKKEL(MSE)AGREPKPEIHPCPSCCLAFSSQKFLSQHVERNHSSQN
;
_entity_poly.pdbx_strand_id   A,B
#
loop_
_chem_comp.id
_chem_comp.type
_chem_comp.name
_chem_comp.formula
UNX non-polymer 'UNKNOWN ATOM OR ION' ?
ZN non-polymer 'ZINC ION' 'Zn 2'
#
# COMPACT_ATOMS: atom_id res chain seq x y z
N SER A 1 27.91 2.81 25.39
CA SER A 1 28.01 2.39 23.99
C SER A 1 27.13 3.25 23.10
N GLU A 2 27.50 3.30 21.84
CA GLU A 2 26.93 4.19 20.89
C GLU A 2 27.09 3.48 19.57
N PRO A 3 25.98 3.28 18.84
CA PRO A 3 26.04 2.67 17.53
C PRO A 3 26.88 3.47 16.56
N GLN A 4 27.54 2.76 15.67
CA GLN A 4 28.35 3.37 14.67
C GLN A 4 27.46 3.70 13.49
N ASP A 5 27.98 4.55 12.60
CA ASP A 5 27.20 5.06 11.47
C ASP A 5 26.56 3.95 10.63
N ASP A 6 27.22 2.80 10.56
CA ASP A 6 26.75 1.69 9.74
C ASP A 6 26.13 0.55 10.59
N ASP A 7 25.53 0.92 11.72
CA ASP A 7 24.71 0.03 12.53
C ASP A 7 23.23 0.29 12.34
N TYR A 8 22.87 1.25 11.50
CA TYR A 8 21.46 1.61 11.32
C TYR A 8 20.86 0.97 10.10
N LEU A 9 19.60 0.63 10.22
CA LEU A 9 18.77 0.32 9.07
C LEU A 9 17.87 1.50 8.77
N TYR A 10 17.28 1.51 7.58
CA TYR A 10 16.34 2.52 7.18
C TYR A 10 15.01 1.87 6.87
N CYS A 11 13.95 2.36 7.48
CA CYS A 11 12.62 1.89 7.19
C CYS A 11 12.05 2.69 6.03
N GLU A 12 11.80 2.00 4.92
CA GLU A 12 11.26 2.64 3.72
C GLU A 12 9.79 3.13 3.88
N MSE A 13 9.07 2.66 4.89
CA MSE A 13 7.70 3.14 5.13
C MSE A 13 7.69 4.37 5.97
O MSE A 13 7.03 5.35 5.61
CB MSE A 13 6.83 2.09 5.81
CG MSE A 13 6.15 1.22 4.78
SE MSE A 13 6.05 -0.60 5.49
CE MSE A 13 7.97 -1.06 5.33
N CYS A 14 8.41 4.35 7.10
CA CYS A 14 8.58 5.54 7.91
C CYS A 14 9.46 6.57 7.18
N GLN A 15 10.36 6.10 6.32
CA GLN A 15 11.42 6.95 5.78
C GLN A 15 12.25 7.50 6.94
N ASN A 16 12.74 6.60 7.78
CA ASN A 16 13.69 6.99 8.80
C ASN A 16 14.46 5.81 9.33
N PHE A 17 15.49 6.12 10.10
CA PHE A 17 16.49 5.15 10.47
C PHE A 17 16.06 4.46 11.74
N PHE A 18 16.53 3.23 11.95
CA PHE A 18 16.32 2.52 13.24
C PHE A 18 17.46 1.54 13.54
N ILE A 19 17.50 1.05 14.77
CA ILE A 19 18.41 0.01 15.20
C ILE A 19 17.63 -1.30 15.40
N ASP A 20 17.95 -2.32 14.62
CA ASP A 20 17.46 -3.69 14.90
C ASP A 20 16.05 -3.93 14.39
N SER A 21 15.05 -3.27 14.96
CA SER A 21 13.72 -3.32 14.38
C SER A 21 12.97 -1.98 14.47
N CYS A 22 12.12 -1.71 13.47
CA CYS A 22 11.37 -0.46 13.39
C CYS A 22 10.25 -0.51 14.40
N ALA A 23 10.20 0.53 15.24
CA ALA A 23 9.16 0.63 16.26
C ALA A 23 7.74 0.57 15.69
N ALA A 24 7.54 1.03 14.45
CA ALA A 24 6.20 1.05 13.85
C ALA A 24 5.92 -0.23 13.07
N HIS A 25 6.95 -0.79 12.44
CA HIS A 25 6.78 -1.89 11.48
C HIS A 25 7.45 -3.20 11.84
N GLY A 26 8.21 -3.22 12.94
CA GLY A 26 8.89 -4.44 13.36
C GLY A 26 10.18 -4.71 12.63
N PRO A 27 10.72 -5.94 12.75
CA PRO A 27 12.00 -6.29 12.16
C PRO A 27 11.93 -6.45 10.65
N PRO A 28 12.95 -5.96 9.93
CA PRO A 28 12.97 -6.22 8.51
C PRO A 28 13.30 -7.68 8.21
N THR A 29 12.93 -8.12 7.01
CA THR A 29 13.22 -9.47 6.56
C THR A 29 14.52 -9.50 5.73
N PHE A 30 15.45 -10.36 6.15
CA PHE A 30 16.70 -10.62 5.41
C PHE A 30 16.61 -11.92 4.63
N VAL A 31 16.69 -11.82 3.31
CA VAL A 31 16.60 -13.01 2.46
C VAL A 31 17.92 -13.73 2.47
N LYS A 32 17.89 -15.05 2.56
CA LYS A 32 19.14 -15.84 2.59
C LYS A 32 19.48 -16.35 1.18
N ASP A 33 20.74 -16.17 0.75
CA ASP A 33 21.27 -16.80 -0.47
C ASP A 33 21.06 -18.28 -0.37
N SER A 34 20.82 -18.93 -1.49
CA SER A 34 20.88 -20.38 -1.51
C SER A 34 22.32 -20.74 -1.25
N ALA A 35 22.53 -21.71 -0.38
CA ALA A 35 23.86 -22.02 0.14
C ALA A 35 24.62 -22.80 -0.91
N VAL A 36 25.83 -22.36 -1.20
CA VAL A 36 26.74 -23.10 -2.05
C VAL A 36 28.18 -22.75 -1.63
N ASP A 37 29.09 -23.67 -1.89
CA ASP A 37 30.51 -23.52 -1.54
C ASP A 37 31.14 -22.23 -2.07
N LYS A 38 31.82 -21.51 -1.18
CA LYS A 38 32.66 -20.39 -1.60
C LYS A 38 33.92 -20.91 -2.32
N GLY A 39 33.76 -21.27 -3.59
CA GLY A 39 34.86 -21.84 -4.38
C GLY A 39 34.49 -22.53 -5.68
N HIS A 40 33.21 -22.89 -5.83
CA HIS A 40 32.74 -23.54 -7.05
C HIS A 40 32.76 -22.59 -8.23
N PRO A 41 32.80 -23.13 -9.46
CA PRO A 41 32.91 -22.29 -10.65
C PRO A 41 31.77 -21.30 -10.82
N ASN A 42 30.53 -21.79 -10.65
CA ASN A 42 29.29 -21.02 -10.92
C ASN A 42 28.56 -20.66 -9.60
N ARG A 43 29.34 -20.38 -8.57
CA ARG A 43 28.79 -20.15 -7.23
C ARG A 43 27.80 -18.99 -7.24
N SER A 44 28.15 -17.92 -7.92
CA SER A 44 27.37 -16.71 -7.95
C SER A 44 25.97 -16.96 -8.48
N ALA A 45 25.89 -17.62 -9.63
CA ALA A 45 24.58 -17.91 -10.20
C ALA A 45 23.78 -18.83 -9.28
N LEU A 46 24.44 -19.83 -8.70
CA LEU A 46 23.76 -20.79 -7.84
C LEU A 46 23.34 -20.24 -6.47
N SER A 47 23.90 -19.10 -6.07
CA SER A 47 23.56 -18.53 -4.77
C SER A 47 22.22 -17.78 -4.84
N LEU A 48 21.70 -17.64 -6.05
CA LEU A 48 20.45 -16.92 -6.31
C LEU A 48 19.27 -17.49 -5.49
N PRO A 49 18.60 -16.63 -4.72
CA PRO A 49 17.40 -17.07 -3.99
C PRO A 49 16.27 -17.48 -4.91
N PRO A 50 15.41 -18.41 -4.44
CA PRO A 50 14.25 -18.77 -5.23
C PRO A 50 13.39 -17.53 -5.45
N GLY A 51 12.84 -17.39 -6.64
CA GLY A 51 12.01 -16.24 -6.91
C GLY A 51 12.62 -15.22 -7.83
N LEU A 52 13.95 -15.27 -8.00
CA LEU A 52 14.67 -14.33 -8.88
C LEU A 52 15.29 -15.08 -10.06
N ARG A 53 15.57 -14.34 -11.13
CA ARG A 53 16.04 -14.95 -12.38
C ARG A 53 17.17 -14.10 -12.96
N ILE A 54 18.31 -14.74 -13.26
CA ILE A 54 19.37 -14.11 -14.03
C ILE A 54 19.08 -14.29 -15.51
N GLY A 55 19.07 -13.18 -16.24
CA GLY A 55 18.83 -13.22 -17.66
C GLY A 55 19.13 -11.88 -18.30
N PRO A 56 19.02 -11.80 -19.66
CA PRO A 56 19.26 -10.58 -20.44
C PRO A 56 18.64 -9.36 -19.81
N SER A 57 19.44 -8.32 -19.63
CA SER A 57 18.97 -7.09 -19.05
C SER A 57 18.08 -6.31 -19.99
N GLY A 58 17.23 -5.48 -19.41
CA GLY A 58 16.43 -4.52 -20.18
C GLY A 58 17.23 -3.26 -20.48
N ILE A 59 18.37 -3.09 -19.84
CA ILE A 59 19.23 -1.98 -20.16
C ILE A 59 20.16 -2.36 -21.33
N PRO A 60 20.11 -1.59 -22.44
CA PRO A 60 20.98 -1.86 -23.60
C PRO A 60 22.46 -1.87 -23.24
N GLN A 61 23.18 -2.90 -23.67
CA GLN A 61 24.63 -3.02 -23.44
C GLN A 61 24.98 -3.51 -22.06
N ALA A 62 23.99 -3.71 -21.18
CA ALA A 62 24.27 -4.17 -19.82
C ALA A 62 24.66 -5.65 -19.79
N GLY A 63 24.16 -6.43 -20.73
CA GLY A 63 24.38 -7.90 -20.67
C GLY A 63 23.36 -8.55 -19.76
N LEU A 64 23.83 -9.24 -18.73
CA LEU A 64 22.96 -9.95 -17.81
C LEU A 64 22.42 -9.05 -16.74
N GLY A 65 21.23 -9.37 -16.26
CA GLY A 65 20.61 -8.70 -15.11
C GLY A 65 19.90 -9.69 -14.20
N VAL A 66 19.27 -9.17 -13.15
CA VAL A 66 18.50 -10.01 -12.24
C VAL A 66 17.07 -9.50 -12.22
N TRP A 67 16.13 -10.43 -12.34
CA TRP A 67 14.72 -10.11 -12.49
C TRP A 67 13.95 -10.72 -11.34
N ASN A 68 12.93 -10.01 -10.88
CA ASN A 68 11.96 -10.63 -10.00
C ASN A 68 10.99 -11.48 -10.82
N GLU A 69 10.68 -12.67 -10.31
CA GLU A 69 9.87 -13.64 -11.07
C GLU A 69 8.60 -14.13 -10.38
N ALA A 70 8.70 -14.65 -9.18
CA ALA A 70 7.59 -15.45 -8.60
C ALA A 70 6.44 -14.55 -8.15
N SER A 71 6.75 -13.63 -7.24
CA SER A 71 5.74 -12.81 -6.60
C SER A 71 6.33 -11.48 -6.16
N ASP A 72 5.46 -10.58 -5.72
CA ASP A 72 5.88 -9.27 -5.27
C ASP A 72 6.97 -9.42 -4.21
N LEU A 73 8.00 -8.61 -4.33
CA LEU A 73 8.97 -8.42 -3.26
C LEU A 73 8.46 -7.26 -2.44
N PRO A 74 8.15 -7.51 -1.16
CA PRO A 74 7.65 -6.39 -0.38
C PRO A 74 8.68 -5.25 -0.18
N LEU A 75 8.15 -4.12 0.23
CA LEU A 75 8.90 -2.94 0.50
C LEU A 75 9.77 -3.12 1.74
N GLY A 76 11.06 -2.82 1.64
CA GLY A 76 11.98 -2.94 2.79
C GLY A 76 12.54 -4.35 3.02
N LEU A 77 12.52 -5.16 1.96
CA LEU A 77 13.17 -6.47 1.97
C LEU A 77 14.69 -6.30 1.81
N HIS A 78 15.48 -7.09 2.55
CA HIS A 78 16.93 -7.01 2.51
C HIS A 78 17.64 -8.20 1.90
N PHE A 79 18.63 -7.91 1.07
CA PHE A 79 19.51 -8.92 0.50
C PHE A 79 20.96 -8.66 0.90
N GLY A 80 21.74 -9.74 1.04
CA GLY A 80 23.16 -9.60 1.25
C GLY A 80 23.69 -10.44 2.40
N PRO A 81 24.98 -10.29 2.72
CA PRO A 81 25.88 -9.29 2.17
C PRO A 81 26.30 -9.55 0.74
N TYR A 82 26.66 -8.47 0.04
CA TYR A 82 27.39 -8.62 -1.20
C TYR A 82 28.70 -9.31 -0.90
N GLU A 83 29.02 -10.33 -1.68
CA GLU A 83 30.21 -11.11 -1.44
C GLU A 83 31.29 -10.86 -2.48
N GLY A 84 32.53 -11.03 -2.05
CA GLY A 84 33.67 -10.96 -2.95
C GLY A 84 34.97 -10.99 -2.19
N ARG A 85 36.05 -10.52 -2.84
CA ARG A 85 37.35 -10.37 -2.14
C ARG A 85 37.48 -8.94 -1.60
N ILE A 86 37.90 -8.81 -0.34
CA ILE A 86 38.21 -7.50 0.22
C ILE A 86 39.59 -7.07 -0.23
N THR A 87 39.70 -5.84 -0.73
CA THR A 87 41.00 -5.35 -1.15
C THR A 87 41.12 -3.83 -1.04
N GLU A 88 42.34 -3.35 -0.93
CA GLU A 88 42.62 -1.91 -0.99
C GLU A 88 43.19 -1.49 -2.35
N ASP A 89 43.13 -2.40 -3.32
CA ASP A 89 43.63 -2.15 -4.65
C ASP A 89 42.66 -1.26 -5.39
N GLU A 90 43.05 -0.02 -5.62
CA GLU A 90 42.23 0.94 -6.36
C GLU A 90 41.87 0.46 -7.79
N GLU A 91 42.62 -0.47 -8.37
CA GLU A 91 42.20 -1.10 -9.66
C GLU A 91 40.77 -1.64 -9.57
N ALA A 92 40.42 -2.14 -8.38
CA ALA A 92 39.04 -2.60 -8.13
C ALA A 92 37.98 -1.54 -8.45
N ALA A 93 38.34 -0.28 -8.25
N ALA A 93 38.31 -0.27 -8.27
CA ALA A 93 37.37 0.83 -8.12
CA ALA A 93 37.38 0.83 -8.56
C ALA A 93 36.25 0.83 -9.14
C ALA A 93 36.86 0.74 -9.99
N ASN A 94 36.61 0.92 -10.42
N ASN A 94 35.56 0.93 -10.15
CA ASN A 94 35.59 0.97 -11.47
CA ASN A 94 34.93 0.82 -11.47
C ASN A 94 35.61 -0.28 -12.35
C ASN A 94 35.55 -0.29 -12.35
N ASN A 95 35.84 -1.45 -11.76
CA ASN A 95 35.99 -2.71 -12.52
C ASN A 95 34.60 -3.34 -12.78
N GLY A 96 33.54 -2.61 -12.44
CA GLY A 96 32.18 -3.03 -12.69
C GLY A 96 31.54 -3.90 -11.62
N TYR A 97 32.34 -4.44 -10.69
CA TYR A 97 31.81 -5.40 -9.71
C TYR A 97 32.20 -5.13 -8.26
N SER A 98 32.64 -3.91 -7.97
CA SER A 98 33.18 -3.59 -6.66
C SER A 98 32.38 -2.53 -5.93
N TRP A 99 32.28 -2.67 -4.62
CA TRP A 99 31.72 -1.61 -3.78
C TRP A 99 32.76 -1.14 -2.79
N LEU A 100 32.72 0.14 -2.55
CA LEU A 100 33.44 0.79 -1.47
C LEU A 100 32.81 0.45 -0.11
N ILE A 101 33.66 0.09 0.84
CA ILE A 101 33.28 -0.04 2.24
C ILE A 101 34.14 0.96 3.03
N THR A 102 33.49 1.85 3.78
CA THR A 102 34.20 2.87 4.57
C THR A 102 34.39 2.44 6.00
N LYS A 103 35.55 2.82 6.55
CA LYS A 103 35.99 2.43 7.86
C LYS A 103 36.16 3.64 8.79
N GLY A 104 35.63 4.78 8.36
CA GLY A 104 35.83 6.05 9.09
C GLY A 104 37.17 6.71 8.80
N ARG A 105 37.27 7.99 9.18
CA ARG A 105 38.47 8.79 9.04
C ARG A 105 39.06 8.73 7.60
N ASN A 106 38.15 8.73 6.63
CA ASN A 106 38.47 8.77 5.19
C ASN A 106 39.23 7.53 4.70
N CYS A 107 39.22 6.47 5.50
CA CYS A 107 39.75 5.17 5.09
C CYS A 107 38.65 4.30 4.47
N TYR A 108 39.04 3.53 3.48
CA TYR A 108 38.11 2.78 2.66
C TYR A 108 38.69 1.40 2.31
N GLU A 109 37.82 0.45 2.01
CA GLU A 109 38.24 -0.77 1.36
C GLU A 109 37.25 -1.05 0.24
N TYR A 110 37.51 -2.08 -0.56
CA TYR A 110 36.53 -2.52 -1.59
C TYR A 110 36.12 -3.95 -1.36
N VAL A 111 34.85 -4.26 -1.63
CA VAL A 111 34.46 -5.65 -1.84
C VAL A 111 34.31 -5.87 -3.36
N ASP A 112 35.11 -6.80 -3.88
CA ASP A 112 35.24 -7.03 -5.33
C ASP A 112 34.56 -8.33 -5.69
N GLY A 113 33.46 -8.26 -6.41
CA GLY A 113 32.74 -9.48 -6.73
C GLY A 113 32.93 -9.93 -8.16
N LYS A 114 34.03 -9.52 -8.76
CA LYS A 114 34.31 -9.80 -10.17
C LYS A 114 34.42 -11.31 -10.42
N ASP A 115 35.17 -11.99 -9.55
CA ASP A 115 35.38 -13.42 -9.68
C ASP A 115 34.15 -14.22 -9.22
N LYS A 116 33.49 -14.85 -10.19
CA LYS A 116 32.24 -15.58 -9.97
C LYS A 116 32.36 -16.69 -8.94
N SER A 117 33.59 -17.15 -8.69
CA SER A 117 33.81 -18.24 -7.74
C SER A 117 33.75 -17.78 -6.28
N TRP A 118 33.93 -16.47 -6.02
CA TRP A 118 33.93 -15.95 -4.62
C TRP A 118 32.88 -14.91 -4.34
N ALA A 119 32.13 -14.53 -5.35
CA ALA A 119 31.11 -13.51 -5.23
C ALA A 119 29.76 -14.20 -5.11
N ASN A 120 28.70 -13.42 -4.96
CA ASN A 120 27.37 -14.00 -4.97
C ASN A 120 26.56 -13.44 -6.09
N TRP A 121 25.31 -13.88 -6.17
CA TRP A 121 24.39 -13.46 -7.20
C TRP A 121 24.21 -11.96 -7.38
N MSE A 122 24.48 -11.18 -6.34
CA MSE A 122 24.26 -9.73 -6.42
C MSE A 122 25.19 -9.01 -7.39
O MSE A 122 24.91 -7.86 -7.80
CB MSE A 122 24.41 -9.12 -5.02
CG MSE A 122 23.17 -9.48 -4.22
SE MSE A 122 23.49 -9.38 -2.28
CE MSE A 122 23.76 -7.41 -2.14
N ARG A 123 26.29 -9.67 -7.78
CA ARG A 123 27.19 -9.17 -8.83
C ARG A 123 26.49 -8.96 -10.16
N TYR A 124 25.34 -9.63 -10.38
CA TYR A 124 24.62 -9.57 -11.67
C TYR A 124 23.58 -8.48 -11.71
N VAL A 125 23.32 -7.87 -10.56
CA VAL A 125 22.32 -6.81 -10.46
C VAL A 125 22.89 -5.54 -11.09
N ASN A 126 22.17 -4.99 -12.07
CA ASN A 126 22.65 -3.79 -12.74
C ASN A 126 22.27 -2.56 -11.98
N CYS A 127 23.04 -1.50 -12.21
CA CYS A 127 22.77 -0.21 -11.61
C CYS A 127 21.62 0.48 -12.32
N ALA A 128 20.77 1.13 -11.54
CA ALA A 128 19.78 2.00 -12.12
C ALA A 128 20.49 3.12 -12.86
N ARG A 129 19.81 3.68 -13.87
CA ARG A 129 20.29 4.88 -14.55
C ARG A 129 19.62 6.20 -14.08
N ASP A 130 18.54 6.11 -13.30
CA ASP A 130 17.79 7.27 -12.84
C ASP A 130 16.98 6.92 -11.59
N ASP A 131 16.41 7.90 -10.93
CA ASP A 131 15.69 7.66 -9.68
C ASP A 131 14.39 6.88 -9.93
N GLU A 132 13.86 6.97 -11.15
CA GLU A 132 12.53 6.43 -11.39
C GLU A 132 12.54 4.92 -11.58
N GLU A 133 13.62 4.40 -12.15
CA GLU A 133 13.78 2.97 -12.34
C GLU A 133 14.44 2.25 -11.16
N GLN A 134 15.10 2.98 -10.29
CA GLN A 134 15.76 2.36 -9.13
C GLN A 134 14.75 1.70 -8.21
N ASN A 135 14.97 0.42 -7.90
CA ASN A 135 14.14 -0.27 -6.92
C ASN A 135 14.93 -0.93 -5.77
N LEU A 136 16.25 -0.75 -5.76
CA LEU A 136 17.10 -1.24 -4.68
C LEU A 136 18.04 -0.12 -4.25
N VAL A 137 18.31 -0.05 -2.95
CA VAL A 137 19.31 0.85 -2.38
C VAL A 137 20.42 0.00 -1.82
N ALA A 138 21.63 0.21 -2.35
CA ALA A 138 22.87 -0.36 -1.79
C ALA A 138 23.33 0.51 -0.64
N PHE A 139 23.60 -0.10 0.52
CA PHE A 139 23.98 0.66 1.70
C PHE A 139 24.89 -0.18 2.56
N GLN A 140 25.71 0.50 3.35
CA GLN A 140 26.64 -0.18 4.24
C GLN A 140 26.02 -0.45 5.60
N TYR A 141 26.19 -1.70 6.05
CA TYR A 141 25.72 -2.19 7.30
C TYR A 141 26.79 -3.15 7.83
N HIS A 142 27.31 -2.88 9.03
CA HIS A 142 28.31 -3.76 9.66
C HIS A 142 29.45 -4.05 8.71
N ARG A 143 29.99 -3.00 8.11
CA ARG A 143 31.15 -3.07 7.21
C ARG A 143 30.90 -3.94 5.99
N GLN A 144 29.65 -4.06 5.58
CA GLN A 144 29.27 -4.95 4.47
C GLN A 144 28.24 -4.25 3.69
N ILE A 145 28.08 -4.66 2.45
CA ILE A 145 27.12 -4.01 1.57
C ILE A 145 25.86 -4.88 1.47
N PHE A 146 24.70 -4.27 1.75
CA PHE A 146 23.41 -4.90 1.58
C PHE A 146 22.59 -4.11 0.58
N TYR A 147 21.60 -4.77 0.00
CA TYR A 147 20.60 -4.10 -0.88
C TYR A 147 19.24 -4.22 -0.20
N ARG A 148 18.51 -3.12 -0.06
CA ARG A 148 17.13 -3.19 0.33
C ARG A 148 16.22 -2.68 -0.75
N THR A 149 15.03 -3.26 -0.84
CA THR A 149 14.01 -2.80 -1.74
C THR A 149 13.49 -1.47 -1.30
N CYS A 150 13.41 -0.52 -2.23
CA CYS A 150 12.81 0.75 -1.95
C CYS A 150 11.47 0.89 -2.67
N ARG A 151 10.99 -0.22 -3.22
CA ARG A 151 9.69 -0.29 -3.85
C ARG A 151 9.09 -1.67 -3.56
N VAL A 152 7.80 -1.80 -3.74
CA VAL A 152 7.24 -3.13 -3.97
C VAL A 152 7.68 -3.52 -5.38
N ILE A 153 8.44 -4.59 -5.52
CA ILE A 153 8.88 -5.00 -6.82
C ILE A 153 7.97 -6.12 -7.33
N ARG A 154 7.30 -5.82 -8.43
CA ARG A 154 6.36 -6.76 -9.03
C ARG A 154 7.09 -7.79 -9.90
N PRO A 155 6.42 -8.93 -10.17
CA PRO A 155 6.98 -9.91 -11.08
C PRO A 155 7.27 -9.35 -12.46
N GLY A 156 8.40 -9.73 -13.02
CA GLY A 156 8.80 -9.27 -14.33
C GLY A 156 9.54 -7.94 -14.33
N CYS A 157 9.88 -7.40 -13.15
CA CYS A 157 10.64 -6.12 -13.12
C CYS A 157 12.08 -6.44 -12.82
N GLU A 158 12.98 -5.77 -13.52
CA GLU A 158 14.39 -5.94 -13.35
C GLU A 158 14.82 -5.32 -12.02
N LEU A 159 15.65 -6.03 -11.28
CA LEU A 159 16.26 -5.46 -10.10
C LEU A 159 17.30 -4.43 -10.51
N LEU A 160 17.14 -3.19 -10.07
CA LEU A 160 18.06 -2.09 -10.43
C LEU A 160 18.49 -1.26 -9.20
N VAL A 161 19.79 -1.31 -8.92
CA VAL A 161 20.32 -0.78 -7.68
C VAL A 161 20.99 0.60 -7.87
N TRP A 162 20.84 1.44 -6.85
CA TRP A 162 21.69 2.63 -6.76
C TRP A 162 21.95 2.97 -5.30
N TYR A 163 22.52 4.13 -5.03
CA TYR A 163 22.98 4.42 -3.68
C TYR A 163 22.85 5.90 -3.37
N GLY A 164 23.05 6.28 -2.11
CA GLY A 164 22.91 7.67 -1.65
C GLY A 164 23.79 7.94 -0.44
N ASP A 165 23.24 8.63 0.55
CA ASP A 165 23.98 9.02 1.74
C ASP A 165 24.42 7.86 2.65
N GLU A 166 23.84 6.67 2.46
CA GLU A 166 24.22 5.51 3.29
C GLU A 166 25.37 4.67 2.70
N TYR A 167 26.14 5.27 1.78
CA TYR A 167 27.15 4.54 1.01
C TYR A 167 28.37 5.38 0.72
N GLY A 168 29.52 4.73 0.72
CA GLY A 168 30.73 5.28 0.10
C GLY A 168 31.19 6.62 0.65
N GLN A 169 31.52 7.51 -0.27
CA GLN A 169 32.14 8.80 0.04
C GLN A 169 31.22 9.71 0.85
N GLU A 170 29.94 9.74 0.49
CA GLU A 170 28.95 10.58 1.23
C GLU A 170 28.85 10.09 2.67
N LEU A 171 28.83 8.76 2.82
CA LEU A 171 28.85 8.14 4.13
C LEU A 171 30.15 8.46 4.85
N GLY A 172 31.25 8.32 4.11
CA GLY A 172 32.60 8.54 4.67
C GLY A 172 32.78 9.98 5.11
N ILE A 173 32.25 10.91 4.33
CA ILE A 173 32.43 12.35 4.64
C ILE A 173 31.63 12.76 5.91
N LYS A 174 30.48 12.14 6.14
CA LYS A 174 29.65 12.46 7.32
C LYS A 174 29.98 11.61 8.55
N TRP A 175 30.98 10.74 8.40
CA TRP A 175 31.24 9.72 9.40
C TRP A 175 31.47 10.34 10.76
N GLY A 176 30.83 9.77 11.78
CA GLY A 176 31.00 10.26 13.16
C GLY A 176 30.11 11.42 13.54
N SER A 177 29.34 11.97 12.59
CA SER A 177 28.51 13.16 12.84
C SER A 177 27.15 12.87 13.50
N LYS A 178 26.79 11.58 13.61
CA LYS A 178 25.53 11.16 14.22
C LYS A 178 24.31 11.63 13.42
N TRP A 179 24.48 11.90 12.11
CA TRP A 179 23.40 12.48 11.29
C TRP A 179 22.24 11.55 11.16
N LYS A 180 22.48 10.24 11.26
CA LYS A 180 21.40 9.26 11.17
C LYS A 180 20.58 9.29 12.41
N LYS A 181 21.25 9.54 13.54
CA LYS A 181 20.59 9.67 14.82
C LYS A 181 19.63 10.87 14.84
N GLU A 182 19.99 11.94 14.15
CA GLU A 182 19.24 13.20 14.25
C GLU A 182 18.02 13.16 13.34
N LEU A 183 18.06 12.32 12.32
CA LEU A 183 16.92 12.16 11.43
C LEU A 183 15.76 11.44 12.11
N MSE A 184 16.08 10.41 12.89
CA MSE A 184 15.07 9.69 13.69
C MSE A 184 14.22 10.68 14.47
O MSE A 184 14.70 11.70 14.96
CB MSE A 184 15.72 8.73 14.68
CG MSE A 184 16.84 7.92 14.04
SE MSE A 184 17.13 6.18 14.95
CE MSE A 184 17.75 6.79 16.73
N PRO A 189 9.64 16.80 5.92
CA PRO A 189 10.38 16.54 4.68
C PRO A 189 10.48 15.05 4.33
N LYS A 190 9.35 14.33 4.27
CA LYS A 190 9.37 12.87 4.01
C LYS A 190 9.26 12.57 2.50
N PRO A 191 10.31 11.96 1.91
CA PRO A 191 10.28 11.57 0.49
C PRO A 191 9.06 10.71 0.12
N GLU A 192 8.52 10.92 -1.08
CA GLU A 192 7.34 10.18 -1.51
C GLU A 192 7.67 9.23 -2.65
N ILE A 193 6.99 8.10 -2.66
CA ILE A 193 7.12 7.12 -3.71
C ILE A 193 5.74 6.86 -4.28
N HIS A 194 5.58 7.13 -5.58
CA HIS A 194 4.32 6.95 -6.27
C HIS A 194 4.55 6.06 -7.47
N PRO A 195 4.30 4.75 -7.29
CA PRO A 195 4.60 3.79 -8.35
C PRO A 195 3.62 3.86 -9.50
N CYS A 196 4.12 3.61 -10.71
CA CYS A 196 3.23 3.41 -11.87
C CYS A 196 2.53 2.04 -11.84
N PRO A 197 1.21 2.01 -12.11
CA PRO A 197 0.52 0.74 -12.16
C PRO A 197 0.77 -0.09 -13.43
N SER A 198 1.45 0.46 -14.44
CA SER A 198 1.55 -0.19 -15.78
C SER A 198 2.96 -0.53 -16.20
N CYS A 199 3.95 -0.15 -15.40
CA CYS A 199 5.35 -0.43 -15.70
C CYS A 199 6.09 -0.33 -14.39
N CYS A 200 7.39 -0.52 -14.45
CA CYS A 200 8.18 -0.77 -13.24
C CYS A 200 8.69 0.52 -12.61
N LEU A 201 8.36 1.68 -13.18
CA LEU A 201 8.86 2.95 -12.66
C LEU A 201 8.10 3.46 -11.43
N ALA A 202 8.73 4.36 -10.67
CA ALA A 202 8.02 5.15 -9.66
C ALA A 202 8.52 6.59 -9.61
N PHE A 203 7.70 7.47 -9.05
CA PHE A 203 7.93 8.89 -9.13
C PHE A 203 7.87 9.54 -7.77
N SER A 204 8.45 10.73 -7.68
CA SER A 204 8.57 11.40 -6.40
C SER A 204 7.33 12.22 -6.08
N SER A 205 6.42 12.36 -7.03
CA SER A 205 5.14 13.04 -6.75
C SER A 205 4.02 12.54 -7.64
N GLN A 206 2.81 13.01 -7.36
CA GLN A 206 1.63 12.65 -8.14
C GLN A 206 1.70 13.30 -9.50
N LYS A 207 2.05 14.59 -9.52
CA LYS A 207 2.30 15.34 -10.77
C LYS A 207 3.19 14.54 -11.72
N PHE A 208 4.40 14.19 -11.27
CA PHE A 208 5.32 13.46 -12.10
C PHE A 208 4.76 12.10 -12.55
N LEU A 209 4.02 11.43 -11.68
CA LEU A 209 3.38 10.17 -12.06
C LEU A 209 2.30 10.40 -13.15
N SER A 210 1.51 11.48 -13.03
CA SER A 210 0.45 11.73 -14.00
C SER A 210 0.99 12.11 -15.38
N GLN A 211 2.03 12.93 -15.37
CA GLN A 211 2.73 13.30 -16.60
C GLN A 211 3.29 12.02 -17.26
N HIS A 212 3.86 11.15 -16.46
CA HIS A 212 4.39 9.89 -16.97
C HIS A 212 3.31 9.02 -17.55
N VAL A 213 2.19 8.90 -16.85
CA VAL A 213 1.11 8.03 -17.30
C VAL A 213 0.54 8.54 -18.61
N GLU A 214 0.40 9.85 -18.70
CA GLU A 214 -0.09 10.48 -19.89
C GLU A 214 0.86 10.45 -21.10
N ARG A 215 2.17 10.44 -20.88
CA ARG A 215 3.13 10.33 -22.00
C ARG A 215 3.39 8.89 -22.41
N ASN A 216 3.15 7.92 -21.51
CA ASN A 216 3.56 6.54 -21.75
C ASN A 216 2.48 5.48 -21.78
N HIS A 217 1.27 5.74 -21.28
CA HIS A 217 0.31 4.64 -21.11
C HIS A 217 -1.11 4.99 -21.47
N SER A 218 -1.58 6.17 -21.08
CA SER A 218 -3.00 6.48 -21.17
C SER A 218 -3.27 7.97 -21.03
N SER A 219 -3.84 8.60 -22.05
CA SER A 219 -4.31 9.99 -21.98
C SER A 219 -5.59 10.16 -22.77
N SER B 1 -4.56 26.72 -2.80
CA SER B 1 -5.72 25.79 -2.64
C SER B 1 -5.27 24.50 -1.97
N GLU B 2 -6.22 23.77 -1.43
CA GLU B 2 -5.96 22.63 -0.59
C GLU B 2 -7.30 21.94 -0.32
N PRO B 3 -7.40 20.64 -0.64
CA PRO B 3 -8.70 20.02 -0.37
C PRO B 3 -9.01 19.87 1.12
N GLN B 4 -10.29 19.87 1.45
CA GLN B 4 -10.72 19.67 2.82
C GLN B 4 -10.75 18.17 3.07
N ASP B 5 -10.85 17.79 4.34
CA ASP B 5 -10.74 16.40 4.75
C ASP B 5 -11.74 15.51 4.03
N ASP B 6 -12.91 16.04 3.68
CA ASP B 6 -13.91 15.23 2.96
C ASP B 6 -13.93 15.40 1.43
N ASP B 7 -12.80 15.82 0.87
CA ASP B 7 -12.61 15.88 -0.59
C ASP B 7 -11.91 14.65 -1.15
N TYR B 8 -11.52 13.70 -0.30
CA TYR B 8 -10.69 12.60 -0.74
C TYR B 8 -11.51 11.36 -0.91
N LEU B 9 -11.17 10.61 -1.94
CA LEU B 9 -11.74 9.29 -2.15
C LEU B 9 -10.70 8.28 -1.73
N TYR B 10 -11.07 7.03 -1.67
CA TYR B 10 -10.13 5.97 -1.33
C TYR B 10 -10.24 4.85 -2.35
N CYS B 11 -9.13 4.41 -2.93
CA CYS B 11 -9.17 3.26 -3.84
C CYS B 11 -8.93 1.96 -3.09
N GLU B 12 -9.94 1.08 -3.09
CA GLU B 12 -9.88 -0.18 -2.35
C GLU B 12 -9.02 -1.25 -3.06
N MSE B 13 -8.56 -0.97 -4.27
CA MSE B 13 -7.60 -1.85 -4.95
C MSE B 13 -6.19 -1.40 -4.66
O MSE B 13 -5.37 -2.20 -4.25
CB MSE B 13 -7.87 -1.93 -6.44
CG MSE B 13 -8.96 -2.97 -6.72
SE MSE B 13 -10.14 -2.37 -8.19
CE MSE B 13 -11.19 -1.04 -7.15
N CYS B 14 -5.90 -0.12 -4.85
CA CYS B 14 -4.58 0.44 -4.51
C CYS B 14 -4.37 0.65 -3.01
N GLN B 15 -5.45 0.62 -2.21
CA GLN B 15 -5.42 0.94 -0.77
C GLN B 15 -4.73 2.29 -0.49
N ASN B 16 -5.20 3.34 -1.14
CA ASN B 16 -4.81 4.70 -0.79
C ASN B 16 -5.83 5.71 -1.25
N PHE B 17 -5.67 6.92 -0.72
CA PHE B 17 -6.57 8.02 -0.98
C PHE B 17 -6.19 8.66 -2.29
N PHE B 18 -7.09 9.46 -2.84
CA PHE B 18 -6.82 10.24 -4.05
C PHE B 18 -7.88 11.34 -4.23
N ILE B 19 -7.61 12.28 -5.13
CA ILE B 19 -8.60 13.31 -5.54
C ILE B 19 -9.13 13.00 -6.94
N ASP B 20 -10.44 12.86 -7.10
CA ASP B 20 -11.07 12.70 -8.44
C ASP B 20 -10.85 11.32 -9.10
N SER B 21 -9.60 10.98 -9.43
CA SER B 21 -9.32 9.67 -10.06
C SER B 21 -8.02 9.04 -9.56
N CYS B 22 -8.04 7.71 -9.39
CA CYS B 22 -6.83 6.94 -9.07
C CYS B 22 -5.97 6.83 -10.30
N ALA B 23 -4.66 6.87 -10.08
CA ALA B 23 -3.71 6.66 -11.19
C ALA B 23 -3.94 5.30 -11.86
N ALA B 24 -4.26 4.29 -11.07
CA ALA B 24 -4.44 2.94 -11.62
C ALA B 24 -5.83 2.78 -12.24
N HIS B 25 -6.86 3.24 -11.54
CA HIS B 25 -8.24 2.87 -11.87
C HIS B 25 -9.14 3.98 -12.34
N GLY B 26 -8.62 5.21 -12.40
CA GLY B 26 -9.44 6.36 -12.84
C GLY B 26 -10.50 6.74 -11.82
N PRO B 27 -11.49 7.53 -12.24
CA PRO B 27 -12.53 7.89 -11.30
C PRO B 27 -13.38 6.67 -10.99
N PRO B 28 -14.03 6.67 -9.81
CA PRO B 28 -14.78 5.46 -9.41
C PRO B 28 -16.15 5.38 -10.04
N THR B 29 -16.73 4.18 -10.03
CA THR B 29 -18.08 3.98 -10.50
C THR B 29 -19.05 4.29 -9.37
N PHE B 30 -19.86 5.35 -9.56
CA PHE B 30 -20.95 5.71 -8.64
C PHE B 30 -22.30 5.22 -9.18
N VAL B 31 -22.84 4.16 -8.59
CA VAL B 31 -24.08 3.54 -9.09
C VAL B 31 -25.29 4.48 -8.91
N LYS B 32 -26.07 4.64 -9.97
CA LYS B 32 -27.20 5.54 -9.96
C LYS B 32 -28.44 4.84 -9.39
N ASP B 33 -29.11 5.50 -8.43
CA ASP B 33 -30.38 5.02 -7.89
C ASP B 33 -31.43 5.08 -8.99
N SER B 34 -32.45 4.21 -8.95
CA SER B 34 -33.62 4.36 -9.80
C SER B 34 -34.33 5.69 -9.50
N ALA B 35 -34.80 6.37 -10.55
CA ALA B 35 -35.38 7.70 -10.42
C ALA B 35 -36.79 7.61 -9.81
N VAL B 36 -37.03 8.44 -8.80
CA VAL B 36 -38.35 8.58 -8.19
C VAL B 36 -38.41 9.88 -7.39
N ASP B 37 -39.38 10.74 -7.71
CA ASP B 37 -39.51 12.02 -7.03
C ASP B 37 -39.56 11.82 -5.50
N LYS B 38 -38.84 12.66 -4.76
CA LYS B 38 -38.98 12.69 -3.30
C LYS B 38 -40.43 12.96 -2.95
N GLY B 39 -40.95 12.26 -1.93
CA GLY B 39 -42.32 12.46 -1.48
C GLY B 39 -43.26 11.31 -1.81
N HIS B 40 -42.85 10.42 -2.71
CA HIS B 40 -43.65 9.23 -3.04
C HIS B 40 -43.61 8.27 -1.87
N PRO B 41 -44.78 7.82 -1.38
CA PRO B 41 -44.84 7.13 -0.08
C PRO B 41 -43.83 6.00 0.11
N ASN B 42 -43.56 5.27 -0.96
CA ASN B 42 -42.66 4.13 -0.95
C ASN B 42 -41.33 4.41 -1.67
N ARG B 43 -40.88 5.66 -1.62
CA ARG B 43 -39.72 6.10 -2.42
C ARG B 43 -38.43 5.30 -2.19
N SER B 44 -38.16 4.92 -0.96
CA SER B 44 -36.89 4.28 -0.64
C SER B 44 -36.75 2.98 -1.40
N ALA B 45 -37.74 2.10 -1.24
CA ALA B 45 -37.76 0.80 -1.93
C ALA B 45 -37.66 0.99 -3.45
N LEU B 46 -38.44 1.92 -3.99
CA LEU B 46 -38.46 2.16 -5.44
C LEU B 46 -37.15 2.74 -6.00
N SER B 47 -36.32 3.33 -5.14
CA SER B 47 -35.04 3.92 -5.59
C SER B 47 -33.92 2.86 -5.75
N LEU B 48 -34.13 1.67 -5.18
CA LEU B 48 -33.18 0.59 -5.27
C LEU B 48 -32.63 0.42 -6.71
N PRO B 49 -31.31 0.40 -6.87
CA PRO B 49 -30.78 0.20 -8.20
C PRO B 49 -31.00 -1.24 -8.69
N PRO B 50 -30.86 -1.45 -9.99
CA PRO B 50 -31.08 -2.80 -10.52
C PRO B 50 -30.04 -3.77 -9.99
N GLY B 51 -30.43 -5.04 -9.83
CA GLY B 51 -29.52 -6.10 -9.40
C GLY B 51 -29.45 -6.33 -7.89
N LEU B 52 -30.11 -5.47 -7.13
CA LEU B 52 -30.14 -5.58 -5.67
C LEU B 52 -31.54 -5.94 -5.24
N ARG B 53 -31.69 -6.51 -4.05
CA ARG B 53 -33.01 -6.91 -3.59
C ARG B 53 -33.20 -6.60 -2.10
N ILE B 54 -34.36 -6.03 -1.79
CA ILE B 54 -34.79 -5.77 -0.42
C ILE B 54 -35.62 -6.95 0.10
N GLY B 55 -35.29 -7.42 1.30
CA GLY B 55 -35.90 -8.62 1.86
C GLY B 55 -35.28 -9.01 3.18
N PRO B 56 -35.87 -10.01 3.87
CA PRO B 56 -35.48 -10.38 5.22
C PRO B 56 -33.98 -10.43 5.39
N SER B 57 -33.48 -9.70 6.36
CA SER B 57 -32.07 -9.74 6.72
C SER B 57 -31.71 -11.10 7.30
N GLY B 58 -30.46 -11.52 7.12
CA GLY B 58 -29.89 -12.65 7.84
C GLY B 58 -29.43 -12.28 9.25
N ILE B 59 -29.36 -10.98 9.55
CA ILE B 59 -29.08 -10.54 10.91
C ILE B 59 -30.36 -10.72 11.75
N PRO B 60 -30.31 -11.62 12.78
CA PRO B 60 -31.48 -11.87 13.61
C PRO B 60 -32.11 -10.62 14.21
N GLN B 61 -33.41 -10.47 14.00
CA GLN B 61 -34.18 -9.35 14.53
C GLN B 61 -33.75 -8.03 13.89
N ALA B 62 -33.22 -8.12 12.68
CA ALA B 62 -32.80 -6.94 11.95
C ALA B 62 -33.92 -6.40 11.07
N GLY B 63 -34.93 -7.23 10.80
CA GLY B 63 -36.00 -6.85 9.91
C GLY B 63 -35.53 -6.97 8.47
N LEU B 64 -35.80 -5.95 7.66
CA LEU B 64 -35.38 -5.98 6.26
C LEU B 64 -33.90 -5.68 6.10
N GLY B 65 -33.36 -6.10 4.97
CA GLY B 65 -31.99 -5.79 4.61
C GLY B 65 -31.88 -5.79 3.10
N VAL B 66 -30.74 -5.33 2.59
CA VAL B 66 -30.51 -5.28 1.16
C VAL B 66 -29.56 -6.39 0.78
N TRP B 67 -29.79 -6.99 -0.39
CA TRP B 67 -29.05 -8.17 -0.85
C TRP B 67 -28.61 -8.01 -2.28
N ASN B 68 -27.42 -8.52 -2.57
CA ASN B 68 -26.97 -8.66 -3.94
C ASN B 68 -27.69 -9.83 -4.62
N GLU B 69 -28.04 -9.65 -5.89
CA GLU B 69 -28.80 -10.66 -6.65
C GLU B 69 -28.24 -10.97 -8.04
N ALA B 70 -28.18 -9.96 -8.92
CA ALA B 70 -27.94 -10.24 -10.36
C ALA B 70 -26.56 -10.88 -10.60
N SER B 71 -25.52 -10.29 -10.00
CA SER B 71 -24.15 -10.79 -10.18
C SER B 71 -23.18 -10.12 -9.20
N ASP B 72 -21.88 -10.39 -9.35
CA ASP B 72 -20.89 -9.89 -8.40
C ASP B 72 -20.82 -8.39 -8.42
N LEU B 73 -20.68 -7.80 -7.25
CA LEU B 73 -20.30 -6.40 -7.12
C LEU B 73 -18.78 -6.31 -6.95
N PRO B 74 -18.12 -5.48 -7.79
CA PRO B 74 -16.67 -5.36 -7.68
C PRO B 74 -16.21 -4.51 -6.50
N LEU B 75 -14.92 -4.58 -6.25
CA LEU B 75 -14.28 -3.79 -5.22
C LEU B 75 -14.32 -2.32 -5.62
N GLY B 76 -14.42 -1.43 -4.66
CA GLY B 76 -14.30 0.00 -4.93
C GLY B 76 -15.52 0.66 -5.55
N LEU B 77 -16.64 -0.05 -5.57
CA LEU B 77 -17.90 0.44 -6.11
C LEU B 77 -18.58 1.36 -5.10
N HIS B 78 -19.17 2.45 -5.60
CA HIS B 78 -19.73 3.52 -4.73
C HIS B 78 -21.22 3.64 -4.87
N PHE B 79 -21.91 3.79 -3.73
CA PHE B 79 -23.35 4.06 -3.71
C PHE B 79 -23.63 5.35 -2.94
N GLY B 80 -24.68 6.06 -3.34
CA GLY B 80 -25.14 7.22 -2.63
C GLY B 80 -25.26 8.47 -3.48
N PRO B 81 -25.41 9.65 -2.82
CA PRO B 81 -25.34 9.84 -1.39
C PRO B 81 -26.51 9.21 -0.64
N TYR B 82 -26.29 8.95 0.64
CA TYR B 82 -27.35 8.57 1.53
C TYR B 82 -28.33 9.77 1.60
N GLU B 83 -29.61 9.52 1.43
CA GLU B 83 -30.58 10.60 1.43
C GLU B 83 -31.43 10.63 2.72
N GLY B 84 -31.95 11.80 3.01
CA GLY B 84 -32.73 12.01 4.22
C GLY B 84 -32.86 13.49 4.47
N ARG B 85 -33.40 13.86 5.62
CA ARG B 85 -33.49 15.27 5.97
C ARG B 85 -32.23 15.63 6.70
N ILE B 86 -31.67 16.80 6.41
CA ILE B 86 -30.49 17.26 7.10
C ILE B 86 -30.92 18.07 8.31
N THR B 87 -30.32 17.79 9.45
CA THR B 87 -30.73 18.45 10.69
C THR B 87 -29.60 18.54 11.74
N GLU B 88 -29.69 19.53 12.62
CA GLU B 88 -28.82 19.57 13.79
C GLU B 88 -29.53 19.00 15.01
N ASP B 89 -30.76 18.51 14.81
CA ASP B 89 -31.57 18.00 15.90
C ASP B 89 -30.99 16.70 16.47
N GLU B 90 -30.57 16.76 17.73
CA GLU B 90 -29.92 15.65 18.43
C GLU B 90 -30.75 14.36 18.50
N GLU B 91 -32.06 14.49 18.35
CA GLU B 91 -32.97 13.33 18.36
C GLU B 91 -32.73 12.35 17.18
N ALA B 92 -32.11 12.85 16.10
CA ALA B 92 -31.66 11.99 14.97
C ALA B 92 -30.54 11.03 15.37
N ALA B 93 -29.79 11.40 16.40
CA ALA B 93 -28.67 10.59 16.87
C ALA B 93 -29.13 9.18 17.20
N ASN B 94 -28.43 8.19 16.65
CA ASN B 94 -28.70 6.77 16.94
C ASN B 94 -30.16 6.34 16.63
N ASN B 95 -30.94 7.15 15.91
CA ASN B 95 -32.37 6.81 15.74
C ASN B 95 -32.55 5.54 14.90
N GLY B 96 -31.44 5.01 14.40
CA GLY B 96 -31.44 3.76 13.64
C GLY B 96 -31.20 3.98 12.15
N TYR B 97 -31.36 5.22 11.70
CA TYR B 97 -31.31 5.53 10.28
C TYR B 97 -30.55 6.79 9.96
N SER B 98 -29.74 7.29 10.90
CA SER B 98 -29.07 8.57 10.71
CA SER B 98 -29.06 8.57 10.72
C SER B 98 -27.55 8.39 10.60
N TRP B 99 -26.90 9.33 9.91
CA TRP B 99 -25.43 9.39 9.87
C TRP B 99 -25.02 10.79 10.21
N LEU B 100 -23.87 10.89 10.85
CA LEU B 100 -23.29 12.12 11.28
C LEU B 100 -22.50 12.75 10.12
N ILE B 101 -22.61 14.07 9.95
CA ILE B 101 -21.84 14.77 8.94
C ILE B 101 -21.12 15.92 9.61
N THR B 102 -19.78 15.90 9.57
CA THR B 102 -18.97 16.91 10.26
C THR B 102 -18.62 18.07 9.37
N LYS B 103 -18.54 19.26 9.95
CA LYS B 103 -18.17 20.47 9.21
C LYS B 103 -16.94 21.16 9.81
N GLY B 104 -16.12 20.40 10.50
CA GLY B 104 -14.91 20.93 11.13
C GLY B 104 -15.19 21.46 12.51
N ARG B 105 -14.13 21.60 13.30
CA ARG B 105 -14.20 22.14 14.65
C ARG B 105 -15.35 21.57 15.48
N ASN B 106 -15.39 20.24 15.52
CA ASN B 106 -16.42 19.49 16.26
C ASN B 106 -17.85 20.01 16.05
N CYS B 107 -18.11 20.59 14.87
CA CYS B 107 -19.46 20.96 14.49
C CYS B 107 -20.02 19.88 13.57
N TYR B 108 -21.20 19.38 13.92
CA TYR B 108 -21.82 18.24 13.24
C TYR B 108 -23.24 18.58 12.76
N GLU B 109 -23.70 17.85 11.77
CA GLU B 109 -25.13 17.72 11.52
C GLU B 109 -25.44 16.25 11.24
N TYR B 110 -26.72 15.95 11.01
CA TYR B 110 -27.16 14.59 10.72
C TYR B 110 -27.90 14.52 9.41
N VAL B 111 -27.78 13.39 8.73
CA VAL B 111 -28.67 13.03 7.64
C VAL B 111 -29.57 11.86 8.10
N ASP B 112 -30.86 12.12 8.15
CA ASP B 112 -31.80 11.21 8.77
C ASP B 112 -32.63 10.59 7.68
N GLY B 113 -32.43 9.30 7.46
CA GLY B 113 -33.19 8.56 6.45
C GLY B 113 -34.33 7.72 7.03
N LYS B 114 -34.94 8.17 8.13
CA LYS B 114 -36.02 7.41 8.80
C LYS B 114 -37.33 7.41 7.99
N ASP B 115 -37.65 8.54 7.37
CA ASP B 115 -38.83 8.61 6.51
C ASP B 115 -38.59 8.00 5.11
N LYS B 116 -39.22 6.85 4.85
CA LYS B 116 -39.20 6.15 3.54
C LYS B 116 -39.47 7.03 2.32
N SER B 117 -40.33 8.04 2.48
CA SER B 117 -40.70 8.92 1.38
C SER B 117 -39.65 9.99 1.13
N TRP B 118 -38.70 10.15 2.07
CA TRP B 118 -37.63 11.15 1.98
C TRP B 118 -36.25 10.60 2.27
N ALA B 119 -36.05 9.33 1.99
CA ALA B 119 -34.71 8.77 2.03
C ALA B 119 -34.52 7.97 0.74
N ASN B 120 -33.51 7.11 0.70
CA ASN B 120 -33.43 6.16 -0.39
C ASN B 120 -33.12 4.75 0.13
N TRP B 121 -32.81 3.85 -0.80
CA TRP B 121 -32.75 2.42 -0.50
C TRP B 121 -31.65 2.07 0.47
N MSE B 122 -30.67 2.95 0.61
CA MSE B 122 -29.57 2.72 1.56
C MSE B 122 -29.98 2.71 2.99
O MSE B 122 -29.25 2.21 3.85
CB MSE B 122 -28.51 3.80 1.36
CG MSE B 122 -27.71 3.48 0.09
SE MSE B 122 -26.82 5.10 -0.59
CE MSE B 122 -25.25 5.23 0.63
N ARG B 123 -31.17 3.25 3.31
CA ARG B 123 -31.71 3.15 4.68
C ARG B 123 -31.97 1.69 5.14
N TYR B 124 -32.21 0.78 4.20
CA TYR B 124 -32.50 -0.62 4.53
C TYR B 124 -31.23 -1.45 4.72
N VAL B 125 -30.09 -0.90 4.33
CA VAL B 125 -28.82 -1.61 4.48
C VAL B 125 -28.44 -1.71 5.96
N ASN B 126 -28.18 -2.92 6.44
CA ASN B 126 -27.87 -3.11 7.87
C ASN B 126 -26.41 -2.92 8.17
N CYS B 127 -26.09 -2.70 9.45
CA CYS B 127 -24.71 -2.56 9.89
C CYS B 127 -24.04 -3.89 10.11
N ALA B 128 -22.77 -4.00 9.72
CA ALA B 128 -21.98 -5.17 10.04
C ALA B 128 -21.78 -5.21 11.54
N ARG B 129 -21.73 -6.41 12.09
CA ARG B 129 -21.46 -6.59 13.53
C ARG B 129 -19.98 -6.79 13.80
N ASP B 130 -19.23 -7.09 12.75
CA ASP B 130 -17.79 -7.34 12.87
C ASP B 130 -17.10 -7.12 11.54
N ASP B 131 -15.78 -7.19 11.54
CA ASP B 131 -14.99 -6.91 10.34
C ASP B 131 -15.14 -7.97 9.27
N GLU B 132 -15.53 -9.18 9.68
CA GLU B 132 -15.47 -10.33 8.78
C GLU B 132 -16.70 -10.42 7.88
N GLU B 133 -17.86 -9.95 8.36
CA GLU B 133 -19.08 -9.89 7.52
C GLU B 133 -19.27 -8.50 6.85
N GLN B 134 -18.40 -7.53 7.19
CA GLN B 134 -18.53 -6.16 6.67
C GLN B 134 -18.09 -6.13 5.21
N ASN B 135 -18.92 -5.58 4.33
CA ASN B 135 -18.53 -5.50 2.91
C ASN B 135 -18.72 -4.13 2.28
N LEU B 136 -19.12 -3.16 3.09
CA LEU B 136 -19.29 -1.76 2.64
C LEU B 136 -18.70 -0.83 3.66
N VAL B 137 -18.05 0.23 3.19
CA VAL B 137 -17.57 1.27 4.07
C VAL B 137 -18.37 2.56 3.84
N ALA B 138 -18.91 3.11 4.92
CA ALA B 138 -19.59 4.41 4.88
C ALA B 138 -18.57 5.50 5.19
N PHE B 139 -18.53 6.53 4.36
CA PHE B 139 -17.58 7.61 4.57
C PHE B 139 -18.15 8.93 4.08
N GLN B 140 -17.59 10.01 4.60
CA GLN B 140 -18.08 11.36 4.26
C GLN B 140 -17.30 11.88 3.08
N TYR B 141 -18.05 12.29 2.06
CA TYR B 141 -17.49 12.92 0.87
C TYR B 141 -18.37 14.09 0.50
N HIS B 142 -17.77 15.29 0.43
CA HIS B 142 -18.47 16.54 0.08
C HIS B 142 -19.68 16.78 0.93
N ARG B 143 -19.49 16.73 2.25
CA ARG B 143 -20.59 16.87 3.21
C ARG B 143 -21.75 15.92 2.94
N GLN B 144 -21.47 14.72 2.43
CA GLN B 144 -22.51 13.72 2.23
C GLN B 144 -21.96 12.38 2.58
N ILE B 145 -22.85 11.41 2.76
CA ILE B 145 -22.46 10.05 3.07
C ILE B 145 -22.62 9.18 1.85
N PHE B 146 -21.53 8.49 1.50
CA PHE B 146 -21.51 7.45 0.49
C PHE B 146 -21.07 6.10 1.10
N TYR B 147 -21.49 5.01 0.47
CA TYR B 147 -21.02 3.67 0.81
C TYR B 147 -20.13 3.15 -0.34
N ARG B 148 -18.97 2.56 -0.03
CA ARG B 148 -18.23 1.82 -1.08
C ARG B 148 -17.97 0.38 -0.70
N THR B 149 -17.88 -0.50 -1.70
CA THR B 149 -17.58 -1.91 -1.43
C THR B 149 -16.13 -2.03 -1.03
N CYS B 150 -15.88 -2.69 0.10
CA CYS B 150 -14.52 -2.99 0.50
C CYS B 150 -14.22 -4.48 0.23
N ARG B 151 -14.94 -5.06 -0.73
CA ARG B 151 -14.85 -6.46 -1.02
C ARG B 151 -15.62 -6.76 -2.29
N VAL B 152 -15.26 -7.87 -2.96
CA VAL B 152 -16.12 -8.41 -3.98
C VAL B 152 -17.30 -9.00 -3.24
N ILE B 153 -18.51 -8.55 -3.57
CA ILE B 153 -19.72 -9.07 -2.95
C ILE B 153 -20.43 -10.01 -3.95
N ARG B 154 -20.51 -11.28 -3.57
CA ARG B 154 -21.08 -12.30 -4.42
C ARG B 154 -22.62 -12.23 -4.37
N PRO B 155 -23.29 -12.88 -5.36
CA PRO B 155 -24.75 -12.92 -5.36
C PRO B 155 -25.29 -13.70 -4.15
N GLY B 156 -26.43 -13.28 -3.63
CA GLY B 156 -26.98 -13.88 -2.41
C GLY B 156 -26.28 -13.47 -1.12
N CYS B 157 -25.34 -12.52 -1.19
CA CYS B 157 -24.72 -11.99 0.05
C CYS B 157 -25.38 -10.67 0.42
N GLU B 158 -25.61 -10.50 1.71
CA GLU B 158 -26.21 -9.31 2.23
C GLU B 158 -25.19 -8.17 2.21
N LEU B 159 -25.63 -6.97 1.86
CA LEU B 159 -24.77 -5.76 1.96
C LEU B 159 -24.72 -5.31 3.41
N LEU B 160 -23.51 -5.16 3.96
CA LEU B 160 -23.36 -4.82 5.37
C LEU B 160 -22.26 -3.79 5.59
N VAL B 161 -22.66 -2.66 6.16
CA VAL B 161 -21.86 -1.47 6.20
C VAL B 161 -21.28 -1.19 7.60
N TRP B 162 -20.06 -0.67 7.63
CA TRP B 162 -19.51 -0.07 8.85
C TRP B 162 -18.59 1.06 8.44
N TYR B 163 -17.81 1.59 9.38
CA TYR B 163 -17.07 2.79 9.13
C TYR B 163 -15.82 2.82 9.97
N GLY B 164 -15.00 3.85 9.76
CA GLY B 164 -13.79 4.03 10.51
C GLY B 164 -13.35 5.47 10.51
N ASP B 165 -12.11 5.69 10.13
CA ASP B 165 -11.45 6.98 10.29
C ASP B 165 -12.00 8.05 9.35
N GLU B 166 -12.75 7.62 8.32
CA GLU B 166 -13.31 8.52 7.31
C GLU B 166 -14.74 9.00 7.62
N TYR B 167 -15.23 8.72 8.83
CA TYR B 167 -16.61 8.99 9.23
C TYR B 167 -16.64 9.54 10.68
N GLY B 168 -17.57 10.45 10.94
CA GLY B 168 -18.04 10.71 12.31
C GLY B 168 -17.08 11.39 13.25
N GLN B 169 -17.05 10.90 14.49
CA GLN B 169 -16.29 11.50 15.57
C GLN B 169 -14.81 11.44 15.28
N GLU B 170 -14.36 10.30 14.72
CA GLU B 170 -12.94 10.14 14.35
C GLU B 170 -12.55 11.18 13.30
N LEU B 171 -13.30 11.20 12.19
CA LEU B 171 -13.07 12.20 11.14
C LEU B 171 -13.06 13.59 11.72
N GLY B 172 -14.01 13.84 12.63
CA GLY B 172 -14.18 15.15 13.24
C GLY B 172 -13.00 15.53 14.10
N ILE B 173 -12.52 14.57 14.88
CA ILE B 173 -11.38 14.76 15.77
C ILE B 173 -10.11 15.16 15.00
N LYS B 174 -9.87 14.49 13.87
CA LYS B 174 -8.66 14.72 13.07
C LYS B 174 -8.82 15.80 12.00
N TRP B 175 -9.92 16.54 12.03
CA TRP B 175 -10.23 17.49 10.98
C TRP B 175 -9.18 18.54 10.93
N GLY B 176 -8.61 18.79 9.75
CA GLY B 176 -7.57 19.79 9.59
C GLY B 176 -6.16 19.27 9.80
N SER B 177 -6.02 18.02 10.22
CA SER B 177 -4.69 17.48 10.52
C SER B 177 -3.94 17.02 9.26
N LYS B 178 -4.58 17.08 8.09
CA LYS B 178 -3.91 16.81 6.82
C LYS B 178 -3.50 15.35 6.67
N TRP B 179 -4.14 14.47 7.45
CA TRP B 179 -3.66 13.10 7.64
C TRP B 179 -3.94 12.19 6.45
N LYS B 180 -5.03 12.45 5.73
CA LYS B 180 -5.35 11.68 4.52
C LYS B 180 -4.25 11.92 3.50
N LYS B 181 -3.76 13.16 3.49
CA LYS B 181 -2.65 13.59 2.66
C LYS B 181 -1.34 12.87 3.00
N GLU B 182 -1.05 12.76 4.29
CA GLU B 182 0.13 12.01 4.72
C GLU B 182 0.05 10.58 4.21
N LEU B 183 -1.08 9.92 4.45
CA LEU B 183 -1.28 8.53 3.98
C LEU B 183 -1.13 8.45 2.45
N MSE B 184 -1.69 9.44 1.74
CA MSE B 184 -1.39 9.63 0.31
C MSE B 184 0.10 9.69 0.10
O MSE B 184 0.57 9.54 -1.02
CB MSE B 184 -1.96 10.94 -0.26
CG MSE B 184 -3.42 10.84 -0.66
SE MSE B 184 -3.84 12.10 -2.14
CE MSE B 184 -2.69 13.65 -1.69
N ARG B 187 2.90 5.60 1.98
CA ARG B 187 3.25 4.18 1.92
C ARG B 187 3.20 3.48 3.30
N GLU B 188 2.14 2.70 3.52
CA GLU B 188 2.04 1.77 4.66
C GLU B 188 1.63 0.40 4.11
N PRO B 189 1.85 -0.68 4.88
CA PRO B 189 1.54 -2.02 4.35
C PRO B 189 0.03 -2.32 4.16
N LYS B 190 -0.31 -3.21 3.21
CA LYS B 190 -1.68 -3.33 2.70
C LYS B 190 -2.45 -4.49 3.37
N PRO B 191 -3.63 -4.20 3.95
CA PRO B 191 -4.51 -5.25 4.49
C PRO B 191 -4.75 -6.36 3.46
N GLU B 192 -4.80 -7.62 3.91
CA GLU B 192 -5.14 -8.75 3.03
C GLU B 192 -6.65 -9.04 3.11
N ILE B 193 -7.18 -9.75 2.13
CA ILE B 193 -8.58 -10.15 2.14
C ILE B 193 -8.65 -11.62 1.76
N HIS B 194 -9.08 -12.44 2.71
CA HIS B 194 -9.16 -13.87 2.49
C HIS B 194 -10.61 -14.32 2.60
N PRO B 195 -11.34 -14.40 1.46
CA PRO B 195 -12.76 -14.77 1.58
C PRO B 195 -12.95 -16.27 1.72
N CYS B 196 -14.04 -16.64 2.38
CA CYS B 196 -14.40 -18.04 2.58
C CYS B 196 -15.24 -18.55 1.39
N PRO B 197 -14.80 -19.65 0.75
CA PRO B 197 -15.58 -20.15 -0.38
C PRO B 197 -16.93 -20.77 0.05
N SER B 198 -17.13 -20.96 1.36
CA SER B 198 -18.35 -21.61 1.86
C SER B 198 -19.44 -20.63 2.35
N CYS B 199 -19.06 -19.40 2.69
CA CYS B 199 -20.04 -18.39 3.08
C CYS B 199 -19.55 -17.00 2.74
N CYS B 200 -20.33 -15.98 3.05
CA CYS B 200 -20.04 -14.62 2.60
C CYS B 200 -18.96 -13.90 3.41
N LEU B 201 -18.35 -14.58 4.39
CA LEU B 201 -17.36 -13.91 5.23
C LEU B 201 -15.99 -13.77 4.55
N ALA B 202 -15.16 -12.90 5.12
CA ALA B 202 -13.75 -12.74 4.72
C ALA B 202 -12.87 -12.41 5.92
N PHE B 203 -11.57 -12.64 5.80
CA PHE B 203 -10.65 -12.50 6.95
C PHE B 203 -9.38 -11.79 6.56
N SER B 204 -8.64 -11.34 7.57
CA SER B 204 -7.44 -10.50 7.38
C SER B 204 -6.20 -11.32 7.08
N SER B 205 -6.30 -12.64 7.28
CA SER B 205 -5.16 -13.54 7.10
C SER B 205 -5.65 -14.95 6.78
N GLN B 206 -4.73 -15.78 6.30
CA GLN B 206 -5.03 -17.18 5.99
C GLN B 206 -5.29 -17.96 7.26
N LYS B 207 -4.52 -17.64 8.31
CA LYS B 207 -4.72 -18.21 9.65
C LYS B 207 -6.17 -18.10 10.11
N PHE B 208 -6.76 -16.90 10.02
CA PHE B 208 -8.12 -16.72 10.48
C PHE B 208 -9.14 -17.41 9.58
N LEU B 209 -8.88 -17.43 8.27
CA LEU B 209 -9.78 -18.12 7.35
C LEU B 209 -9.76 -19.62 7.64
N SER B 210 -8.57 -20.18 7.88
CA SER B 210 -8.47 -21.63 8.12
C SER B 210 -9.17 -22.02 9.41
N GLN B 211 -8.95 -21.22 10.47
CA GLN B 211 -9.65 -21.43 11.74
C GLN B 211 -11.17 -21.39 11.53
N HIS B 212 -11.63 -20.44 10.75
CA HIS B 212 -13.06 -20.32 10.45
C HIS B 212 -13.61 -21.56 9.77
N VAL B 213 -12.91 -22.03 8.75
CA VAL B 213 -13.36 -23.19 7.99
C VAL B 213 -13.39 -24.47 8.84
N GLU B 214 -12.37 -24.65 9.68
CA GLU B 214 -12.32 -25.80 10.59
C GLU B 214 -13.47 -25.75 11.60
N ARG B 215 -13.78 -24.56 12.10
CA ARG B 215 -14.72 -24.37 13.21
C ARG B 215 -16.21 -24.49 12.83
N ASN B 216 -16.57 -24.32 11.57
CA ASN B 216 -17.98 -24.46 11.18
C ASN B 216 -18.24 -24.76 9.70
N HIS B 217 -17.29 -25.44 9.07
CA HIS B 217 -17.55 -26.09 7.79
C HIS B 217 -16.90 -27.45 7.86
ZN ZN C . 8.85 1.84 9.94
ZN ZN D . 4.68 3.43 -16.29
UNK UNX E . 31.30 -3.97 13.01
UNK UNX F . 5.65 -5.78 -15.27
UNK UNX G . 28.29 -4.01 -8.89
UNK UNX H . 30.18 -25.92 -4.76
UNK UNX I . 12.82 -14.04 -3.63
UNK UNX J . 35.75 9.95 13.88
UNK UNX K . 9.31 -0.90 -16.52
UNK UNX L . 11.52 8.87 -7.31
UNK UNX M . 22.77 -14.63 2.83
UNK UNX N . 3.93 -6.37 -0.73
UNK UNX O . 15.63 5.21 0.28
UNK UNX P . 30.45 7.30 -2.84
UNK UNX Q . 11.13 -2.14 8.09
UNK UNX R . 15.02 -7.82 -22.30
UNK UNX S . 34.72 -13.78 -14.83
UNK UNX T . 5.50 16.32 -3.46
ZN ZN U . -6.70 2.34 -7.59
ZN ZN V . -17.47 -19.73 5.85
UNK UNX W . -12.34 -9.36 -2.20
UNK UNX X . -25.48 -2.63 -9.14
UNK UNX Y . -15.21 -8.05 -9.91
UNK UNX Z . -11.30 -8.52 6.81
UNK UNX AA . -23.25 19.70 -0.44
UNK UNX BA . -11.36 3.76 -7.62
UNK UNX CA . -24.23 9.23 -8.89
UNK UNX DA . -14.82 1.17 14.46
#